data_6XDB
#
_entry.id   6XDB
#
_cell.length_a   68.652
_cell.length_b   168.441
_cell.length_c   101.676
_cell.angle_alpha   90.000
_cell.angle_beta   90.000
_cell.angle_gamma   90.000
#
_symmetry.space_group_name_H-M   'C 2 2 21'
#
loop_
_entity.id
_entity.type
_entity.pdbx_description
1 polymer 'Serine/threonine-protein kinase/endoribonuclease IRE1'
2 non-polymer 4-amino-N-(6-chloro-2-fluoro-3-{[(2-fluorophenyl)sulfonyl]amino}phenyl)-6-(1,3-dimethyl-1H-pyrazol-4-yl)quinazoline-8-carboxamide
3 non-polymer '4-(2-HYDROXYETHYL)-1-PIPERAZINE ETHANESULFONIC ACID'
4 water water
#
_entity_poly.entity_id   1
_entity_poly.type   'polypeptide(L)'
_entity_poly.pdbx_seq_one_letter_code
;GSSPSLEQDDGDEETSVVIVGKISFCPKDVLGHGAEGTIVYRGMFDNRDVAVKRILPECFSFADREVQLLRESDEHPNVI
RYFCTEKDRQFQYIAIELCAATLQEYVEQKDFAHLGLEPITLLQQTTSGLAHLHSLNIVHRNLKPHNILISMPNAHGKIK
AMISDFGLCKKLAVGRHSFSRRSGVPGTEGWIAPEMLSEDCKENPTYTVDIFSAGCVFYYVISEGSHPFGKSLQRQANIL
LGACSLDCLHPEKHEDVIARELIEKMIAMDPQKRPSAKHVLKHPFFWSLEKQLQFFQDVSDRIEKESLDGPIVKQLERGG
RAVVKMDWRENITVPLQTDLRKFRTYKGGSVRDLLRAMRNKKHHYRELPAEVRETLGSLPDDFVCYFTSRFPHLLAHTYR
AMELCSHERLFQPYYFHEPPEPQPPVTPDALGNS
;
_entity_poly.pdbx_strand_id   A
#
# COMPACT_ATOMS: atom_id res chain seq x y z
N THR A 15 15.08 36.68 -20.90
CA THR A 15 14.94 35.25 -20.67
C THR A 15 15.99 34.75 -19.68
N SER A 16 16.33 35.61 -18.72
CA SER A 16 17.44 35.36 -17.81
C SER A 16 16.94 34.68 -16.54
N VAL A 17 17.81 34.59 -15.53
CA VAL A 17 17.56 33.84 -14.30
C VAL A 17 17.09 34.79 -13.21
N VAL A 18 16.07 34.36 -12.45
CA VAL A 18 15.57 35.10 -11.29
C VAL A 18 16.36 34.66 -10.06
N ILE A 19 16.55 35.59 -9.12
CA ILE A 19 17.27 35.30 -7.88
C ILE A 19 16.51 35.94 -6.72
N VAL A 20 16.09 35.11 -5.75
CA VAL A 20 15.43 35.57 -4.53
C VAL A 20 16.12 34.85 -3.38
N GLY A 21 17.12 35.49 -2.80
CA GLY A 21 17.85 34.88 -1.70
C GLY A 21 18.80 33.81 -2.20
N LYS A 22 18.78 32.63 -1.57
CA LYS A 22 19.59 31.52 -2.03
C LYS A 22 18.94 30.73 -3.15
N ILE A 23 17.71 31.06 -3.53
CA ILE A 23 16.97 30.33 -4.55
C ILE A 23 17.13 31.05 -5.89
N SER A 24 17.43 30.27 -6.94
CA SER A 24 17.54 30.79 -8.29
C SER A 24 16.83 29.84 -9.25
N PHE A 25 16.13 30.40 -10.23
CA PHE A 25 15.46 29.58 -11.23
C PHE A 25 15.20 30.42 -12.47
N CYS A 26 15.29 29.79 -13.63
CA CYS A 26 14.90 30.43 -14.88
C CYS A 26 13.41 30.18 -15.11
N PRO A 27 12.60 31.22 -15.31
CA PRO A 27 11.15 31.00 -15.46
C PRO A 27 10.77 30.18 -16.69
N LYS A 28 11.77 29.72 -17.43
CA LYS A 28 11.53 28.81 -18.55
C LYS A 28 11.34 27.37 -18.08
N ASP A 29 12.09 26.96 -17.05
CA ASP A 29 12.03 25.58 -16.56
C ASP A 29 10.82 25.42 -15.65
N VAL A 30 9.65 25.27 -16.27
CA VAL A 30 8.42 25.05 -15.51
C VAL A 30 8.18 23.55 -15.44
N LEU A 31 7.93 23.05 -14.22
CA LEU A 31 7.58 21.65 -14.02
C LEU A 31 6.08 21.42 -13.99
N GLY A 32 5.29 22.44 -13.62
CA GLY A 32 3.85 22.31 -13.57
C GLY A 32 3.16 23.48 -12.90
N HIS A 33 1.84 23.58 -13.08
CA HIS A 33 1.01 24.65 -12.53
C HIS A 33 0.07 24.08 -11.47
N GLY A 34 -0.75 24.94 -10.90
CA GLY A 34 -1.79 24.50 -9.99
C GLY A 34 -2.18 25.59 -9.01
N ALA A 35 -3.26 25.30 -8.27
CA ALA A 35 -3.70 26.11 -7.12
C ALA A 35 -3.92 27.57 -7.49
N GLU A 36 -4.24 27.83 -8.76
CA GLU A 36 -4.54 29.17 -9.27
C GLU A 36 -3.43 30.17 -8.98
N GLY A 37 -2.51 30.32 -9.92
CA GLY A 37 -1.44 31.29 -9.77
C GLY A 37 -0.11 30.66 -9.41
N THR A 38 -0.14 29.65 -8.53
CA THR A 38 1.09 29.02 -8.10
C THR A 38 1.67 28.19 -9.24
N ILE A 39 2.97 28.37 -9.49
CA ILE A 39 3.70 27.67 -10.52
C ILE A 39 4.90 26.98 -9.86
N VAL A 40 5.24 25.78 -10.34
CA VAL A 40 6.39 25.04 -9.83
C VAL A 40 7.47 25.05 -10.90
N TYR A 41 8.56 25.74 -10.63
CA TYR A 41 9.71 25.79 -11.52
C TYR A 41 10.79 24.84 -11.02
N ARG A 42 11.69 24.48 -11.93
CA ARG A 42 12.93 23.82 -11.57
C ARG A 42 13.99 24.88 -11.30
N GLY A 43 14.81 24.64 -10.27
CA GLY A 43 15.72 25.69 -9.86
C GLY A 43 16.98 25.22 -9.16
N MET A 44 17.61 26.13 -8.43
CA MET A 44 18.87 25.87 -7.74
C MET A 44 18.84 26.51 -6.35
N PHE A 45 19.39 25.78 -5.38
CA PHE A 45 19.55 26.28 -4.02
C PHE A 45 20.78 25.60 -3.42
N ASP A 46 21.75 26.39 -2.99
CA ASP A 46 22.98 25.88 -2.37
C ASP A 46 23.62 24.80 -3.24
N ASN A 47 23.69 25.08 -4.55
CA ASN A 47 24.30 24.23 -5.57
C ASN A 47 23.57 22.91 -5.78
N ARG A 48 22.38 22.74 -5.20
CA ARG A 48 21.57 21.55 -5.37
C ARG A 48 20.45 21.79 -6.38
N ASP A 49 20.10 20.75 -7.11
CA ASP A 49 18.88 20.80 -7.92
C ASP A 49 17.66 20.75 -7.00
N VAL A 50 16.73 21.69 -7.20
CA VAL A 50 15.56 21.82 -6.35
C VAL A 50 14.36 22.20 -7.22
N ALA A 51 13.18 21.98 -6.68
CA ALA A 51 11.96 22.50 -7.26
C ALA A 51 11.48 23.67 -6.43
N VAL A 52 10.93 24.70 -7.09
CA VAL A 52 10.54 25.93 -6.44
C VAL A 52 9.08 26.19 -6.73
N LYS A 53 8.27 26.35 -5.69
CA LYS A 53 6.87 26.70 -5.83
C LYS A 53 6.71 28.19 -5.53
N ARG A 54 6.08 28.92 -6.46
CA ARG A 54 5.86 30.35 -6.30
C ARG A 54 4.43 30.59 -5.81
N ILE A 55 4.29 31.43 -4.80
CA ILE A 55 3.02 31.63 -4.10
C ILE A 55 2.61 33.08 -4.21
N LEU A 56 1.34 33.31 -4.54
CA LEU A 56 0.76 34.64 -4.61
C LEU A 56 0.46 35.17 -3.21
N PRO A 57 0.29 36.49 -3.07
CA PRO A 57 -0.05 37.04 -1.74
C PRO A 57 -1.32 36.49 -1.13
N GLU A 58 -2.25 35.96 -1.95
CA GLU A 58 -3.51 35.44 -1.43
C GLU A 58 -3.33 34.10 -0.72
N CYS A 59 -2.21 33.41 -0.93
CA CYS A 59 -1.92 32.15 -0.28
C CYS A 59 -0.77 32.26 0.71
N PHE A 60 -0.42 33.49 1.13
CA PHE A 60 0.64 33.66 2.12
C PHE A 60 0.25 33.03 3.45
N SER A 61 -1.03 33.14 3.84
CA SER A 61 -1.47 32.56 5.10
C SER A 61 -1.39 31.03 5.06
N PHE A 62 -1.90 30.42 4.00
CA PHE A 62 -1.92 28.97 3.92
C PHE A 62 -0.51 28.41 3.84
N ALA A 63 0.37 29.05 3.06
CA ALA A 63 1.74 28.57 2.93
C ALA A 63 2.48 28.63 4.25
N ASP A 64 2.28 29.71 5.02
CA ASP A 64 2.92 29.81 6.33
C ASP A 64 2.44 28.73 7.29
N ARG A 65 1.19 28.28 7.12
CA ARG A 65 0.64 27.27 8.01
C ARG A 65 1.15 25.87 7.66
N GLU A 66 1.38 25.60 6.36
CA GLU A 66 1.91 24.30 5.95
C GLU A 66 3.40 24.18 6.24
N VAL A 67 4.17 25.23 5.96
CA VAL A 67 5.59 25.21 6.26
C VAL A 67 5.82 25.06 7.75
N GLN A 68 5.05 25.80 8.56
CA GLN A 68 5.13 25.65 10.01
C GLN A 68 4.79 24.24 10.45
N LEU A 69 3.88 23.57 9.74
CA LEU A 69 3.49 22.22 10.12
C LEU A 69 4.59 21.21 9.82
N LEU A 70 5.33 21.39 8.73
CA LEU A 70 6.42 20.47 8.43
C LEU A 70 7.70 20.81 9.21
N ARG A 71 7.94 22.10 9.44
CA ARG A 71 9.12 22.49 10.23
C ARG A 71 9.04 21.95 11.64
N GLU A 72 7.84 21.95 12.24
CA GLU A 72 7.69 21.51 13.63
C GLU A 72 7.57 19.99 13.75
N SER A 73 7.12 19.31 12.69
CA SER A 73 6.84 17.89 12.76
C SER A 73 8.09 17.07 12.45
N ASP A 74 8.15 15.87 13.04
CA ASP A 74 9.27 14.97 12.79
C ASP A 74 9.38 14.64 11.31
N GLU A 75 10.61 14.53 10.81
CA GLU A 75 10.85 14.20 9.43
C GLU A 75 10.80 12.69 9.22
N HIS A 76 10.73 12.29 7.95
CA HIS A 76 10.52 10.90 7.58
C HIS A 76 10.95 10.74 6.13
N PRO A 77 11.64 9.66 5.77
CA PRO A 77 12.13 9.54 4.38
C PRO A 77 11.02 9.67 3.34
N ASN A 78 9.78 9.33 3.68
CA ASN A 78 8.70 9.28 2.71
C ASN A 78 7.72 10.43 2.89
N VAL A 79 8.13 11.48 3.58
CA VAL A 79 7.44 12.75 3.55
C VAL A 79 8.42 13.76 2.98
N ILE A 80 7.93 14.60 2.06
CA ILE A 80 8.82 15.50 1.36
C ILE A 80 9.34 16.57 2.33
N ARG A 81 10.64 16.85 2.25
CA ARG A 81 11.30 17.79 3.15
C ARG A 81 11.64 19.06 2.38
N TYR A 82 11.21 20.21 2.90
CA TYR A 82 11.56 21.46 2.24
C TYR A 82 12.95 21.90 2.63
N PHE A 83 13.63 22.56 1.69
CA PHE A 83 15.00 22.98 1.91
C PHE A 83 15.09 24.42 2.41
N CYS A 84 14.22 25.29 1.91
CA CYS A 84 14.36 26.72 2.12
C CYS A 84 13.10 27.41 1.63
N THR A 85 12.73 28.50 2.32
CA THR A 85 11.64 29.37 1.89
C THR A 85 12.14 30.80 1.83
N GLU A 86 11.81 31.49 0.75
CA GLU A 86 12.22 32.87 0.55
C GLU A 86 10.99 33.73 0.27
N LYS A 87 11.16 35.05 0.40
CA LYS A 87 10.09 36.00 0.19
C LYS A 87 10.68 37.32 -0.29
N ASP A 88 10.06 37.88 -1.32
CA ASP A 88 10.29 39.26 -1.72
C ASP A 88 8.99 40.04 -1.53
N ARG A 89 8.95 41.26 -2.06
CA ARG A 89 7.79 42.12 -1.85
C ARG A 89 6.57 41.72 -2.65
N GLN A 90 6.63 40.61 -3.40
CA GLN A 90 5.52 40.25 -4.27
C GLN A 90 5.08 38.79 -4.14
N PHE A 91 6.01 37.86 -3.97
CA PHE A 91 5.69 36.44 -3.88
C PHE A 91 6.42 35.80 -2.70
N GLN A 92 6.00 34.59 -2.37
CA GLN A 92 6.73 33.71 -1.46
C GLN A 92 7.08 32.43 -2.19
N TYR A 93 8.26 31.89 -1.87
CA TYR A 93 8.80 30.74 -2.59
C TYR A 93 9.12 29.62 -1.62
N ILE A 94 8.91 28.37 -2.07
CA ILE A 94 9.24 27.19 -1.29
C ILE A 94 10.08 26.26 -2.15
N ALA A 95 11.23 25.83 -1.62
CA ALA A 95 12.14 24.95 -2.32
C ALA A 95 12.22 23.61 -1.61
N ILE A 96 11.97 22.54 -2.37
CA ILE A 96 12.13 21.17 -1.89
C ILE A 96 13.07 20.46 -2.87
N GLU A 97 13.41 19.22 -2.54
CA GLU A 97 14.33 18.47 -3.38
C GLU A 97 13.69 18.20 -4.75
N LEU A 98 14.50 18.27 -5.80
CA LEU A 98 13.98 18.01 -7.14
C LEU A 98 13.69 16.51 -7.28
N CYS A 99 12.47 16.20 -7.70
CA CYS A 99 12.11 14.81 -7.89
C CYS A 99 12.05 14.49 -9.38
N ALA A 100 12.22 13.20 -9.69
CA ALA A 100 12.29 12.77 -11.08
C ALA A 100 10.91 12.81 -11.74
N ALA A 101 9.84 12.60 -10.98
CA ALA A 101 8.49 12.50 -11.53
C ALA A 101 7.49 12.45 -10.39
N THR A 102 6.24 12.77 -10.72
CA THR A 102 5.12 12.36 -9.90
C THR A 102 4.82 10.88 -10.15
N LEU A 103 4.11 10.27 -9.19
CA LEU A 103 3.69 8.89 -9.37
C LEU A 103 2.82 8.75 -10.62
N GLN A 104 2.08 9.80 -10.97
CA GLN A 104 1.25 9.75 -12.18
C GLN A 104 2.09 9.65 -13.44
N GLU A 105 3.12 10.51 -13.56
CA GLU A 105 4.00 10.45 -14.73
C GLU A 105 4.76 9.13 -14.75
N TYR A 106 5.12 8.60 -13.57
CA TYR A 106 5.79 7.32 -13.49
C TYR A 106 4.94 6.20 -14.07
N VAL A 107 3.68 6.13 -13.65
CA VAL A 107 2.79 5.08 -14.13
C VAL A 107 2.52 5.25 -15.62
N GLU A 108 2.34 6.49 -16.07
CA GLU A 108 2.03 6.71 -17.48
C GLU A 108 3.21 6.36 -18.38
N GLN A 109 4.45 6.60 -17.93
CA GLN A 109 5.58 6.66 -18.85
C GLN A 109 6.58 5.53 -18.75
N LYS A 110 6.70 4.86 -17.60
CA LYS A 110 7.70 3.81 -17.44
C LYS A 110 7.18 2.47 -17.94
N ASP A 111 8.06 1.70 -18.60
CA ASP A 111 7.78 0.31 -18.95
C ASP A 111 7.96 -0.54 -17.70
N PHE A 112 6.87 -1.14 -17.22
CA PHE A 112 6.93 -1.88 -15.97
C PHE A 112 7.63 -3.22 -16.10
N ALA A 113 7.82 -3.70 -17.34
CA ALA A 113 8.38 -5.03 -17.54
C ALA A 113 9.78 -5.15 -16.96
N HIS A 114 10.51 -4.04 -16.89
CA HIS A 114 11.89 -4.03 -16.43
C HIS A 114 12.04 -3.43 -15.04
N LEU A 115 10.94 -3.34 -14.27
CA LEU A 115 10.97 -2.68 -12.98
C LEU A 115 10.83 -3.63 -11.80
N GLY A 116 10.43 -4.88 -12.03
CA GLY A 116 10.37 -5.84 -10.94
C GLY A 116 9.37 -5.40 -9.88
N LEU A 117 9.87 -5.29 -8.64
CA LEU A 117 9.05 -4.96 -7.48
C LEU A 117 9.13 -3.49 -7.10
N GLU A 118 9.81 -2.67 -7.89
CA GLU A 118 9.87 -1.24 -7.61
C GLU A 118 8.49 -0.60 -7.50
N PRO A 119 7.49 -0.90 -8.34
CA PRO A 119 6.16 -0.32 -8.11
C PRO A 119 5.56 -0.66 -6.76
N ILE A 120 5.69 -1.91 -6.31
CA ILE A 120 5.15 -2.29 -5.01
C ILE A 120 5.89 -1.54 -3.90
N THR A 121 7.21 -1.37 -4.07
CA THR A 121 8.01 -0.64 -3.08
C THR A 121 7.53 0.80 -2.95
N LEU A 122 7.22 1.46 -4.07
CA LEU A 122 6.67 2.80 -4.01
C LEU A 122 5.39 2.84 -3.18
N LEU A 123 4.55 1.81 -3.30
CA LEU A 123 3.32 1.78 -2.51
C LEU A 123 3.63 1.58 -1.04
N GLN A 124 4.56 0.69 -0.72
CA GLN A 124 4.97 0.50 0.68
C GLN A 124 5.54 1.78 1.26
N GLN A 125 6.37 2.48 0.50
CA GLN A 125 6.94 3.74 0.97
C GLN A 125 5.86 4.79 1.16
N THR A 126 4.88 4.85 0.26
CA THR A 126 3.80 5.82 0.40
C THR A 126 3.01 5.55 1.68
N THR A 127 2.75 4.26 1.97
CA THR A 127 2.05 3.89 3.20
C THR A 127 2.89 4.21 4.43
N SER A 128 4.21 3.96 4.36
CA SER A 128 5.08 4.35 5.47
C SER A 128 4.95 5.83 5.77
N GLY A 129 4.99 6.67 4.73
CA GLY A 129 4.84 8.10 4.95
C GLY A 129 3.49 8.45 5.55
N LEU A 130 2.44 7.81 5.04
CA LEU A 130 1.09 8.04 5.56
C LEU A 130 0.98 7.62 7.02
N ALA A 131 1.54 6.46 7.36
CA ALA A 131 1.50 6.00 8.75
C ALA A 131 2.20 7.00 9.65
N HIS A 132 3.31 7.56 9.19
CA HIS A 132 4.01 8.60 9.95
C HIS A 132 3.12 9.81 10.18
N LEU A 133 2.47 10.30 9.12
CA LEU A 133 1.57 11.44 9.24
C LEU A 133 0.46 11.17 10.23
N HIS A 134 -0.24 10.05 10.08
CA HIS A 134 -1.31 9.72 11.01
C HIS A 134 -0.80 9.60 12.44
N SER A 135 0.44 9.13 12.62
CA SER A 135 0.96 9.00 13.97
C SER A 135 1.26 10.36 14.59
N LEU A 136 1.40 11.41 13.79
CA LEU A 136 1.50 12.78 14.28
C LEU A 136 0.15 13.48 14.32
N ASN A 137 -0.95 12.74 14.15
CA ASN A 137 -2.32 13.26 14.17
C ASN A 137 -2.60 14.20 12.99
N ILE A 138 -2.01 13.92 11.84
CA ILE A 138 -2.19 14.69 10.62
C ILE A 138 -2.90 13.81 9.61
N VAL A 139 -4.07 14.24 9.15
CA VAL A 139 -4.75 13.59 8.04
C VAL A 139 -4.48 14.42 6.79
N HIS A 140 -4.19 13.73 5.68
CA HIS A 140 -3.71 14.41 4.48
C HIS A 140 -4.86 14.99 3.65
N ARG A 141 -5.88 14.18 3.37
CA ARG A 141 -7.16 14.53 2.75
C ARG A 141 -7.09 14.75 1.24
N ASN A 142 -5.93 14.56 0.59
CA ASN A 142 -5.82 14.89 -0.83
C ASN A 142 -4.73 14.04 -1.48
N LEU A 143 -4.60 12.80 -1.05
CA LEU A 143 -3.60 11.90 -1.63
C LEU A 143 -4.05 11.44 -3.01
N LYS A 144 -3.17 11.54 -3.99
CA LYS A 144 -3.45 11.12 -5.35
C LYS A 144 -2.12 10.92 -6.07
N PRO A 145 -2.11 10.19 -7.20
CA PRO A 145 -0.85 9.98 -7.91
C PRO A 145 -0.15 11.27 -8.32
N HIS A 146 -0.91 12.35 -8.53
CA HIS A 146 -0.28 13.57 -9.01
C HIS A 146 0.60 14.25 -7.96
N ASN A 147 0.40 14.01 -6.67
CA ASN A 147 1.22 14.67 -5.65
C ASN A 147 2.01 13.68 -4.79
N ILE A 148 2.18 12.45 -5.26
CA ILE A 148 3.17 11.54 -4.69
C ILE A 148 4.41 11.62 -5.56
N LEU A 149 5.52 12.06 -4.97
CA LEU A 149 6.74 12.36 -5.72
C LEU A 149 7.69 11.17 -5.71
N ILE A 150 8.37 10.97 -6.83
CA ILE A 150 9.33 9.89 -7.02
C ILE A 150 10.71 10.53 -7.08
N SER A 151 11.59 10.12 -6.16
CA SER A 151 12.90 10.76 -6.02
C SER A 151 13.83 10.40 -7.17
N MET A 152 14.87 11.21 -7.33
CA MET A 152 16.02 10.81 -8.13
C MET A 152 16.63 9.54 -7.53
N PRO A 153 17.36 8.77 -8.32
CA PRO A 153 18.04 7.60 -7.76
C PRO A 153 19.17 8.01 -6.83
N ASN A 154 19.47 7.14 -5.87
CA ASN A 154 20.59 7.38 -4.98
C ASN A 154 21.84 6.74 -5.60
N ALA A 155 22.90 6.56 -4.81
CA ALA A 155 24.13 6.01 -5.36
C ALA A 155 23.90 4.62 -5.95
N HIS A 156 23.04 3.82 -5.32
CA HIS A 156 22.82 2.44 -5.76
C HIS A 156 21.64 2.33 -6.71
N GLY A 157 21.18 3.44 -7.28
CA GLY A 157 20.15 3.42 -8.29
C GLY A 157 18.76 3.16 -7.77
N LYS A 158 18.53 3.29 -6.48
CA LYS A 158 17.21 3.03 -5.90
C LYS A 158 16.49 4.36 -5.64
N ILE A 159 15.16 4.29 -5.70
CA ILE A 159 14.31 5.47 -5.61
C ILE A 159 13.32 5.30 -4.47
N LYS A 160 12.57 6.37 -4.19
CA LYS A 160 11.58 6.32 -3.13
C LYS A 160 10.44 7.28 -3.44
N ALA A 161 9.28 6.98 -2.87
CA ALA A 161 8.11 7.83 -2.94
C ALA A 161 8.05 8.74 -1.71
N MET A 162 7.50 9.93 -1.90
CA MET A 162 7.39 10.91 -0.82
C MET A 162 6.05 11.61 -0.96
N ILE A 163 5.37 11.79 0.15
CA ILE A 163 4.10 12.48 0.16
C ILE A 163 4.34 13.99 0.14
N SER A 164 3.61 14.70 -0.71
CA SER A 164 3.68 16.15 -0.81
C SER A 164 2.27 16.73 -0.80
N ASP A 165 2.19 18.05 -0.96
CA ASP A 165 0.94 18.79 -1.11
C ASP A 165 0.05 18.68 0.12
N PHE A 166 0.36 19.47 1.15
CA PHE A 166 -0.41 19.48 2.40
C PHE A 166 -1.37 20.65 2.48
N GLY A 167 -1.91 21.09 1.34
CA GLY A 167 -2.82 22.23 1.33
C GLY A 167 -4.14 21.96 2.03
N LEU A 168 -4.60 20.71 2.03
CA LEU A 168 -5.88 20.36 2.63
C LEU A 168 -5.74 19.59 3.92
N CYS A 169 -4.51 19.40 4.42
CA CYS A 169 -4.33 18.52 5.55
C CYS A 169 -4.77 19.21 6.85
N LYS A 170 -5.05 18.39 7.86
CA LYS A 170 -5.49 18.85 9.16
C LYS A 170 -4.71 18.17 10.27
N LYS A 171 -4.26 18.96 11.24
CA LYS A 171 -3.68 18.44 12.47
C LYS A 171 -4.80 18.37 13.51
N LEU A 172 -5.21 17.17 13.87
CA LEU A 172 -6.27 16.98 14.84
C LEU A 172 -5.71 17.11 16.25
N ALA A 173 -6.54 17.62 17.16
CA ALA A 173 -6.16 17.66 18.56
C ALA A 173 -6.00 16.25 19.13
N VAL A 174 -5.31 16.16 20.26
CA VAL A 174 -5.06 14.86 20.86
C VAL A 174 -6.39 14.26 21.34
N GLY A 175 -6.57 12.97 21.07
CA GLY A 175 -7.81 12.28 21.41
C GLY A 175 -8.90 12.38 20.37
N ARG A 176 -8.89 13.42 19.55
CA ARG A 176 -9.93 13.62 18.55
C ARG A 176 -9.79 12.59 17.44
N HIS A 177 -10.85 11.79 17.23
CA HIS A 177 -10.82 10.78 16.19
C HIS A 177 -11.04 11.37 14.80
N SER A 178 -11.70 12.53 14.70
CA SER A 178 -12.34 12.92 13.46
C SER A 178 -12.23 14.43 13.26
N PHE A 179 -12.83 14.89 12.17
CA PHE A 179 -12.89 16.30 11.83
C PHE A 179 -14.19 16.57 11.07
N SER A 180 -14.54 17.83 10.97
CA SER A 180 -15.78 18.20 10.29
C SER A 180 -15.57 18.18 8.78
N ARG A 181 -16.56 17.67 8.06
CA ARG A 181 -16.44 17.54 6.62
C ARG A 181 -16.89 18.79 5.87
N ARG A 182 -17.27 19.85 6.58
CA ARG A 182 -17.70 21.08 5.93
C ARG A 182 -16.63 22.17 5.90
N SER A 183 -15.50 21.96 6.58
CA SER A 183 -14.43 22.95 6.65
C SER A 183 -13.35 22.60 5.65
N GLY A 184 -13.41 23.19 4.47
CA GLY A 184 -12.39 23.04 3.46
C GLY A 184 -12.89 22.31 2.22
N VAL A 185 -12.13 22.46 1.15
CA VAL A 185 -12.39 21.72 -0.09
C VAL A 185 -12.41 20.23 0.22
N PRO A 186 -13.31 19.44 -0.38
CA PRO A 186 -13.35 18.01 -0.04
C PRO A 186 -12.10 17.25 -0.48
N GLY A 187 -11.47 17.66 -1.56
CA GLY A 187 -10.30 16.98 -2.08
C GLY A 187 -10.25 17.14 -3.60
N THR A 188 -9.74 16.11 -4.26
CA THR A 188 -9.66 16.04 -5.71
C THR A 188 -10.67 15.01 -6.22
N GLU A 189 -11.52 15.43 -7.14
CA GLU A 189 -12.60 14.56 -7.63
C GLU A 189 -12.04 13.27 -8.22
N GLY A 190 -12.71 12.17 -7.93
CA GLY A 190 -12.25 10.85 -8.31
C GLY A 190 -11.43 10.14 -7.25
N TRP A 191 -11.00 10.85 -6.20
CA TRP A 191 -10.18 10.27 -5.14
C TRP A 191 -10.73 10.58 -3.75
N ILE A 192 -11.95 11.10 -3.66
CA ILE A 192 -12.53 11.56 -2.40
C ILE A 192 -13.34 10.43 -1.79
N ALA A 193 -13.05 10.09 -0.53
CA ALA A 193 -13.80 9.06 0.17
C ALA A 193 -15.28 9.41 0.20
N PRO A 194 -16.18 8.42 0.09
CA PRO A 194 -17.61 8.73 -0.06
C PRO A 194 -18.20 9.50 1.10
N GLU A 195 -17.68 9.33 2.33
CA GLU A 195 -18.24 10.02 3.48
C GLU A 195 -17.99 11.52 3.46
N MET A 196 -17.11 12.01 2.58
CA MET A 196 -16.91 13.44 2.43
C MET A 196 -18.00 14.12 1.63
N LEU A 197 -18.81 13.37 0.89
CA LEU A 197 -19.75 13.95 -0.06
C LEU A 197 -21.15 13.36 0.01
N SER A 198 -21.36 12.23 0.67
CA SER A 198 -22.66 11.59 0.64
C SER A 198 -23.71 12.42 1.36
N GLU A 199 -24.95 12.33 0.86
CA GLU A 199 -26.05 13.09 1.43
C GLU A 199 -26.31 12.69 2.88
N ASP A 200 -26.62 11.41 3.10
CA ASP A 200 -26.89 10.88 4.44
C ASP A 200 -25.58 10.37 5.02
N CYS A 201 -24.96 11.16 5.89
CA CYS A 201 -23.77 10.72 6.61
C CYS A 201 -23.88 11.17 8.05
N LYS A 202 -23.97 10.21 8.96
CA LYS A 202 -24.09 10.49 10.38
C LYS A 202 -22.74 10.50 11.10
N GLU A 203 -21.69 9.99 10.47
CA GLU A 203 -20.38 9.88 11.08
C GLU A 203 -19.39 10.82 10.40
N ASN A 204 -18.66 11.58 11.20
CA ASN A 204 -17.65 12.48 10.68
C ASN A 204 -16.51 11.70 10.02
N PRO A 205 -15.87 12.28 9.01
CA PRO A 205 -14.69 11.63 8.42
C PRO A 205 -13.54 11.53 9.42
N THR A 206 -12.59 10.66 9.10
CA THR A 206 -11.45 10.47 9.99
C THR A 206 -10.23 10.12 9.16
N TYR A 207 -9.20 9.52 9.78
CA TYR A 207 -7.98 9.19 9.06
C TYR A 207 -8.23 8.20 7.93
N THR A 208 -9.34 7.46 7.98
CA THR A 208 -9.59 6.48 6.93
C THR A 208 -9.93 7.10 5.57
N VAL A 209 -10.11 8.43 5.49
CA VAL A 209 -10.25 9.03 4.15
C VAL A 209 -8.96 8.87 3.38
N ASP A 210 -7.81 8.96 4.05
CA ASP A 210 -6.53 8.74 3.39
C ASP A 210 -6.37 7.29 2.94
N ILE A 211 -6.92 6.35 3.71
CA ILE A 211 -6.82 4.95 3.34
C ILE A 211 -7.62 4.66 2.07
N PHE A 212 -8.83 5.22 1.98
CA PHE A 212 -9.62 5.09 0.76
C PHE A 212 -8.86 5.64 -0.45
N SER A 213 -8.32 6.85 -0.34
CA SER A 213 -7.51 7.40 -1.42
C SER A 213 -6.30 6.53 -1.72
N ALA A 214 -5.65 5.99 -0.68
CA ALA A 214 -4.50 5.12 -0.90
C ALA A 214 -4.90 3.85 -1.64
N GLY A 215 -6.08 3.31 -1.33
CA GLY A 215 -6.53 2.11 -2.01
C GLY A 215 -6.72 2.33 -3.50
N CYS A 216 -7.22 3.51 -3.88
CA CYS A 216 -7.34 3.83 -5.30
C CYS A 216 -5.97 3.98 -5.96
N VAL A 217 -5.00 4.55 -5.23
CA VAL A 217 -3.64 4.66 -5.76
C VAL A 217 -3.00 3.29 -5.91
N PHE A 218 -3.19 2.40 -4.93
CA PHE A 218 -2.69 1.03 -5.05
C PHE A 218 -3.13 0.40 -6.37
N TYR A 219 -4.45 0.45 -6.63
CA TYR A 219 -4.97 -0.16 -7.86
C TYR A 219 -4.47 0.58 -9.10
N TYR A 220 -4.40 1.90 -9.03
CA TYR A 220 -3.92 2.69 -10.17
C TYR A 220 -2.50 2.29 -10.58
N VAL A 221 -1.65 1.98 -9.60
CA VAL A 221 -0.29 1.58 -9.90
C VAL A 221 -0.26 0.17 -10.48
N ILE A 222 -0.89 -0.79 -9.81
CA ILE A 222 -0.73 -2.17 -10.26
C ILE A 222 -1.55 -2.44 -11.51
N SER A 223 -2.57 -1.62 -11.80
CA SER A 223 -3.25 -1.69 -13.08
C SER A 223 -2.62 -0.81 -14.14
N GLU A 224 -1.63 0.02 -13.75
CA GLU A 224 -0.91 0.90 -14.66
C GLU A 224 -1.84 1.93 -15.32
N GLY A 225 -2.72 2.52 -14.52
CA GLY A 225 -3.50 3.65 -14.98
C GLY A 225 -5.00 3.59 -14.76
N SER A 226 -5.54 2.42 -14.39
CA SER A 226 -6.98 2.34 -14.17
C SER A 226 -7.33 2.77 -12.74
N HIS A 227 -8.63 2.89 -12.50
CA HIS A 227 -9.14 3.36 -11.23
C HIS A 227 -10.27 2.42 -10.80
N PRO A 228 -10.33 2.09 -9.50
CA PRO A 228 -11.34 1.11 -9.07
C PRO A 228 -12.76 1.53 -9.39
N PHE A 229 -13.02 2.83 -9.50
CA PHE A 229 -14.36 3.35 -9.70
C PHE A 229 -14.56 3.92 -11.11
N GLY A 230 -13.81 3.42 -12.07
CA GLY A 230 -14.11 3.70 -13.47
C GLY A 230 -13.31 4.85 -14.05
N LYS A 231 -13.76 5.26 -15.23
CA LYS A 231 -13.13 6.35 -15.96
C LYS A 231 -13.51 7.68 -15.33
N SER A 232 -12.70 8.70 -15.63
CA SER A 232 -12.73 10.00 -14.95
C SER A 232 -14.14 10.51 -14.66
N LEU A 233 -14.98 10.60 -15.70
CA LEU A 233 -16.27 11.26 -15.54
C LEU A 233 -17.26 10.45 -14.72
N GLN A 234 -17.00 9.16 -14.49
CA GLN A 234 -17.90 8.32 -13.70
C GLN A 234 -17.40 8.08 -12.29
N ARG A 235 -16.16 8.46 -11.97
CA ARG A 235 -15.50 8.01 -10.74
C ARG A 235 -16.25 8.45 -9.50
N GLN A 236 -16.45 9.77 -9.33
CA GLN A 236 -17.01 10.27 -8.08
C GLN A 236 -18.43 9.75 -7.88
N ALA A 237 -19.20 9.63 -8.96
CA ALA A 237 -20.54 9.07 -8.83
C ALA A 237 -20.49 7.60 -8.43
N ASN A 238 -19.61 6.81 -9.08
CA ASN A 238 -19.47 5.41 -8.69
C ASN A 238 -19.01 5.27 -7.25
N ILE A 239 -18.16 6.19 -6.76
CA ILE A 239 -17.73 6.15 -5.38
C ILE A 239 -18.92 6.27 -4.44
N LEU A 240 -19.83 7.20 -4.73
CA LEU A 240 -21.03 7.35 -3.90
C LEU A 240 -21.92 6.11 -3.98
N LEU A 241 -21.95 5.42 -5.12
CA LEU A 241 -22.75 4.21 -5.25
C LEU A 241 -22.09 2.99 -4.65
N GLY A 242 -20.78 3.02 -4.41
CA GLY A 242 -20.05 1.82 -4.09
C GLY A 242 -19.74 0.95 -5.28
N ALA A 243 -19.86 1.50 -6.49
CA ALA A 243 -19.73 0.74 -7.74
C ALA A 243 -18.26 0.68 -8.15
N CYS A 244 -17.54 -0.23 -7.54
CA CYS A 244 -16.13 -0.42 -7.82
C CYS A 244 -15.92 -1.70 -8.63
N SER A 245 -14.81 -1.74 -9.35
CA SER A 245 -14.50 -2.88 -10.20
C SER A 245 -12.99 -3.04 -10.29
N LEU A 246 -12.47 -4.16 -9.80
CA LEU A 246 -11.04 -4.46 -9.89
C LEU A 246 -10.80 -5.48 -10.99
N ASP A 247 -11.03 -5.04 -12.23
CA ASP A 247 -11.08 -5.94 -13.37
C ASP A 247 -9.75 -6.64 -13.61
N CYS A 248 -8.64 -5.95 -13.39
CA CYS A 248 -7.34 -6.49 -13.77
C CYS A 248 -6.76 -7.45 -12.74
N LEU A 249 -7.49 -7.75 -11.67
CA LEU A 249 -7.04 -8.70 -10.65
C LEU A 249 -7.74 -10.04 -10.89
N HIS A 250 -6.98 -11.02 -11.38
CA HIS A 250 -7.56 -12.30 -11.74
C HIS A 250 -7.93 -13.08 -10.48
N PRO A 251 -9.18 -13.56 -10.37
CA PRO A 251 -9.61 -14.20 -9.12
C PRO A 251 -8.89 -15.49 -8.79
N GLU A 252 -8.02 -16.01 -9.65
CA GLU A 252 -7.35 -17.27 -9.38
C GLU A 252 -5.84 -17.18 -9.56
N LYS A 253 -5.26 -16.00 -9.45
CA LYS A 253 -3.81 -15.82 -9.35
C LYS A 253 -3.49 -15.36 -7.93
N HIS A 254 -2.62 -16.11 -7.26
CA HIS A 254 -2.32 -15.86 -5.85
C HIS A 254 -1.98 -14.41 -5.56
N GLU A 255 -1.22 -13.76 -6.44
CA GLU A 255 -0.83 -12.37 -6.19
C GLU A 255 -2.02 -11.43 -6.37
N ASP A 256 -2.89 -11.70 -7.34
CA ASP A 256 -4.07 -10.85 -7.52
C ASP A 256 -5.07 -11.04 -6.39
N VAL A 257 -5.20 -12.28 -5.89
CA VAL A 257 -6.10 -12.52 -4.77
C VAL A 257 -5.65 -11.74 -3.54
N ILE A 258 -4.35 -11.77 -3.24
CA ILE A 258 -3.83 -11.02 -2.11
C ILE A 258 -4.08 -9.53 -2.30
N ALA A 259 -3.83 -9.01 -3.51
CA ALA A 259 -4.04 -7.58 -3.74
C ALA A 259 -5.51 -7.20 -3.65
N ARG A 260 -6.39 -8.04 -4.22
CA ARG A 260 -7.82 -7.77 -4.12
C ARG A 260 -8.29 -7.76 -2.67
N GLU A 261 -7.74 -8.65 -1.84
CA GLU A 261 -8.14 -8.71 -0.44
C GLU A 261 -7.81 -7.41 0.28
N LEU A 262 -6.62 -6.85 0.03
CA LEU A 262 -6.24 -5.59 0.67
C LEU A 262 -7.02 -4.41 0.09
N ILE A 263 -7.06 -4.29 -1.24
CA ILE A 263 -7.62 -3.11 -1.88
C ILE A 263 -9.13 -3.00 -1.61
N GLU A 264 -9.83 -4.12 -1.62
CA GLU A 264 -11.27 -4.08 -1.32
C GLU A 264 -11.52 -3.60 0.12
N LYS A 265 -10.65 -3.97 1.05
CA LYS A 265 -10.77 -3.45 2.41
C LYS A 265 -10.49 -1.95 2.46
N MET A 266 -9.48 -1.49 1.70
CA MET A 266 -9.06 -0.09 1.79
C MET A 266 -10.12 0.85 1.23
N ILE A 267 -10.85 0.43 0.20
CA ILE A 267 -11.81 1.29 -0.47
C ILE A 267 -13.25 0.96 -0.04
N ALA A 268 -13.41 0.21 1.04
CA ALA A 268 -14.74 -0.16 1.53
C ALA A 268 -15.57 1.08 1.80
N MET A 269 -16.89 0.94 1.58
CA MET A 269 -17.81 2.04 1.83
C MET A 269 -17.82 2.41 3.30
N ASP A 270 -17.93 1.41 4.17
CA ASP A 270 -17.90 1.65 5.60
C ASP A 270 -16.49 2.09 6.00
N PRO A 271 -16.30 3.31 6.49
CA PRO A 271 -14.95 3.74 6.87
C PRO A 271 -14.37 2.95 8.01
N GLN A 272 -15.19 2.39 8.89
CA GLN A 272 -14.67 1.62 10.02
C GLN A 272 -14.18 0.24 9.59
N LYS A 273 -14.45 -0.20 8.37
CA LYS A 273 -13.93 -1.45 7.86
C LYS A 273 -12.57 -1.30 7.19
N ARG A 274 -12.11 -0.08 6.97
CA ARG A 274 -10.84 0.16 6.31
C ARG A 274 -9.69 -0.05 7.29
N PRO A 275 -8.63 -0.72 6.86
CA PRO A 275 -7.47 -0.92 7.75
C PRO A 275 -6.67 0.36 7.91
N SER A 276 -6.09 0.50 9.10
CA SER A 276 -5.17 1.61 9.34
C SER A 276 -3.94 1.46 8.46
N ALA A 277 -3.19 2.56 8.32
CA ALA A 277 -1.92 2.50 7.60
C ALA A 277 -1.01 1.43 8.19
N LYS A 278 -1.05 1.23 9.50
CA LYS A 278 -0.18 0.22 10.12
C LYS A 278 -0.66 -1.19 9.83
N HIS A 279 -1.99 -1.42 9.77
CA HIS A 279 -2.50 -2.69 9.26
C HIS A 279 -2.05 -2.91 7.81
N VAL A 280 -2.14 -1.88 6.96
CA VAL A 280 -1.82 -2.03 5.55
C VAL A 280 -0.36 -2.43 5.37
N LEU A 281 0.52 -1.88 6.21
CA LEU A 281 1.95 -2.24 6.17
C LEU A 281 2.20 -3.68 6.54
N LYS A 282 1.31 -4.29 7.34
CA LYS A 282 1.48 -5.68 7.73
C LYS A 282 0.88 -6.66 6.73
N HIS A 283 0.17 -6.17 5.73
CA HIS A 283 -0.62 -7.06 4.89
C HIS A 283 0.29 -7.90 3.99
N PRO A 284 -0.07 -9.16 3.73
CA PRO A 284 0.79 -10.01 2.88
C PRO A 284 1.00 -9.48 1.48
N PHE A 285 0.24 -8.46 1.07
CA PHE A 285 0.52 -7.77 -0.19
C PHE A 285 1.99 -7.36 -0.28
N PHE A 286 2.62 -7.09 0.86
CA PHE A 286 4.02 -6.66 0.91
C PHE A 286 4.99 -7.75 1.31
N TRP A 287 4.55 -9.00 1.50
CA TRP A 287 5.43 -10.04 2.01
C TRP A 287 6.28 -10.62 0.90
N SER A 288 7.56 -10.86 1.21
CA SER A 288 8.43 -11.60 0.31
C SER A 288 8.01 -13.07 0.30
N LEU A 289 8.47 -13.78 -0.73
CA LEU A 289 8.15 -15.20 -0.85
C LEU A 289 8.59 -15.96 0.39
N GLU A 290 9.79 -15.65 0.90
CA GLU A 290 10.28 -16.32 2.11
C GLU A 290 9.37 -16.04 3.30
N LYS A 291 8.95 -14.77 3.48
CA LYS A 291 8.07 -14.46 4.60
C LYS A 291 6.71 -15.13 4.46
N GLN A 292 6.22 -15.29 3.23
CA GLN A 292 4.98 -16.04 3.04
C GLN A 292 5.15 -17.47 3.54
N LEU A 293 6.27 -18.10 3.19
CA LEU A 293 6.52 -19.46 3.63
C LEU A 293 6.70 -19.53 5.14
N GLN A 294 7.30 -18.49 5.73
CA GLN A 294 7.44 -18.46 7.19
C GLN A 294 6.09 -18.33 7.88
N PHE A 295 5.14 -17.61 7.25
CA PHE A 295 3.79 -17.55 7.79
C PHE A 295 3.12 -18.93 7.76
N PHE A 296 3.26 -19.63 6.63
CA PHE A 296 2.67 -20.97 6.53
C PHE A 296 3.22 -21.91 7.59
N GLN A 297 4.52 -21.83 7.87
CA GLN A 297 5.10 -22.73 8.86
C GLN A 297 4.65 -22.35 10.28
N ASP A 298 4.59 -21.05 10.57
CA ASP A 298 4.17 -20.62 11.90
C ASP A 298 2.71 -20.99 12.16
N VAL A 299 1.85 -20.90 11.15
CA VAL A 299 0.46 -21.34 11.29
C VAL A 299 0.42 -22.85 11.57
N SER A 300 1.07 -23.63 10.72
CA SER A 300 1.08 -25.09 10.88
C SER A 300 1.59 -25.51 12.25
N ASP A 301 2.65 -24.86 12.76
CA ASP A 301 3.13 -25.18 14.09
C ASP A 301 2.16 -24.72 15.18
N ARG A 302 1.50 -23.59 14.97
CA ARG A 302 0.60 -23.07 16.00
C ARG A 302 -0.63 -23.95 16.19
N ILE A 303 -1.05 -24.66 15.14
CA ILE A 303 -2.28 -25.43 15.17
C ILE A 303 -2.03 -26.93 15.25
N GLU A 304 -0.77 -27.35 15.32
CA GLU A 304 -0.47 -28.77 15.25
C GLU A 304 -1.16 -29.54 16.38
N LYS A 305 -1.21 -28.97 17.58
CA LYS A 305 -1.84 -29.62 18.71
C LYS A 305 -3.20 -29.02 19.08
N GLU A 306 -3.72 -28.11 18.26
CA GLU A 306 -5.09 -27.66 18.47
C GLU A 306 -6.05 -28.78 18.10
N SER A 307 -7.15 -28.90 18.84
CA SER A 307 -8.13 -29.91 18.52
C SER A 307 -8.94 -29.48 17.31
N LEU A 308 -9.39 -30.46 16.53
CA LEU A 308 -10.19 -30.18 15.35
C LEU A 308 -11.53 -29.54 15.70
N ASP A 309 -12.00 -29.71 16.93
CA ASP A 309 -13.22 -29.07 17.40
C ASP A 309 -12.99 -27.67 17.95
N GLY A 310 -11.73 -27.26 18.10
CA GLY A 310 -11.40 -25.97 18.66
C GLY A 310 -11.77 -24.84 17.73
N PRO A 311 -11.84 -23.63 18.27
CA PRO A 311 -12.28 -22.49 17.43
C PRO A 311 -11.31 -22.14 16.34
N ILE A 312 -10.00 -22.26 16.60
CA ILE A 312 -9.01 -21.89 15.59
C ILE A 312 -9.10 -22.82 14.38
N VAL A 313 -9.08 -24.13 14.63
CA VAL A 313 -9.09 -25.07 13.52
C VAL A 313 -10.44 -25.05 12.81
N LYS A 314 -11.53 -24.86 13.57
CA LYS A 314 -12.85 -24.80 12.96
C LYS A 314 -12.95 -23.60 12.01
N GLN A 315 -12.46 -22.44 12.46
CA GLN A 315 -12.42 -21.26 11.62
C GLN A 315 -11.58 -21.50 10.38
N LEU A 316 -10.39 -22.10 10.54
CA LEU A 316 -9.51 -22.32 9.41
C LEU A 316 -10.15 -23.23 8.37
N GLU A 317 -11.01 -24.15 8.79
CA GLU A 317 -11.57 -25.11 7.85
C GLU A 317 -12.86 -24.63 7.17
N ARG A 318 -13.47 -23.55 7.64
CA ARG A 318 -14.71 -23.10 7.02
C ARG A 318 -14.44 -22.53 5.63
N GLY A 319 -15.18 -23.03 4.65
CA GLY A 319 -14.91 -22.64 3.28
C GLY A 319 -13.60 -23.17 2.75
N GLY A 320 -13.02 -24.17 3.42
CA GLY A 320 -11.72 -24.69 3.05
C GLY A 320 -11.73 -25.68 1.91
N ARG A 321 -12.90 -26.25 1.59
CA ARG A 321 -12.96 -27.22 0.49
C ARG A 321 -12.65 -26.55 -0.84
N ALA A 322 -13.18 -25.34 -1.06
CA ALA A 322 -12.83 -24.60 -2.26
C ALA A 322 -11.37 -24.18 -2.23
N VAL A 323 -10.84 -23.88 -1.05
CA VAL A 323 -9.44 -23.46 -0.94
C VAL A 323 -8.51 -24.57 -1.42
N VAL A 324 -8.77 -25.81 -0.97
CA VAL A 324 -7.92 -26.94 -1.33
C VAL A 324 -8.38 -27.65 -2.59
N LYS A 325 -9.41 -27.13 -3.26
CA LYS A 325 -9.96 -27.75 -4.47
C LYS A 325 -10.42 -29.18 -4.21
N MET A 326 -11.28 -29.33 -3.19
CA MET A 326 -11.93 -30.59 -2.83
C MET A 326 -10.95 -31.62 -2.29
N ASP A 327 -9.97 -32.02 -3.11
CA ASP A 327 -8.92 -32.95 -2.69
C ASP A 327 -7.58 -32.34 -3.12
N TRP A 328 -6.84 -31.77 -2.16
CA TRP A 328 -5.57 -31.16 -2.55
C TRP A 328 -4.54 -32.18 -2.95
N ARG A 329 -4.72 -33.45 -2.57
CA ARG A 329 -3.78 -34.50 -2.98
C ARG A 329 -3.85 -34.76 -4.48
N GLU A 330 -4.98 -34.45 -5.12
CA GLU A 330 -5.14 -34.66 -6.55
C GLU A 330 -4.76 -33.43 -7.37
N ASN A 331 -4.27 -32.36 -6.72
CA ASN A 331 -3.92 -31.12 -7.41
C ASN A 331 -2.45 -30.78 -7.23
N ILE A 332 -1.63 -31.74 -6.81
CA ILE A 332 -0.19 -31.55 -6.73
C ILE A 332 0.46 -32.42 -7.80
N THR A 333 1.78 -32.48 -7.84
CA THR A 333 2.47 -33.32 -8.79
C THR A 333 2.62 -34.75 -8.24
N VAL A 334 2.87 -35.68 -9.16
CA VAL A 334 2.98 -37.08 -8.78
C VAL A 334 4.20 -37.35 -7.90
N PRO A 335 5.39 -36.79 -8.17
CA PRO A 335 6.50 -37.00 -7.22
C PRO A 335 6.15 -36.65 -5.78
N LEU A 336 5.42 -35.56 -5.57
CA LEU A 336 5.03 -35.19 -4.21
C LEU A 336 3.97 -36.15 -3.68
N GLN A 337 3.02 -36.57 -4.52
CA GLN A 337 1.99 -37.52 -4.10
C GLN A 337 2.60 -38.81 -3.57
N THR A 338 3.59 -39.36 -4.29
CA THR A 338 4.21 -40.61 -3.87
C THR A 338 4.92 -40.46 -2.53
N ASP A 339 5.59 -39.32 -2.33
CA ASP A 339 6.39 -39.13 -1.13
C ASP A 339 5.55 -38.78 0.10
N LEU A 340 4.27 -38.44 -0.08
CA LEU A 340 3.40 -38.18 1.06
C LEU A 340 2.80 -39.45 1.65
N ARG A 341 2.89 -40.59 0.95
CA ARG A 341 2.37 -41.86 1.43
C ARG A 341 3.45 -42.69 2.12
N LYS A 342 4.55 -42.06 2.55
CA LYS A 342 5.66 -42.81 3.11
C LYS A 342 5.38 -43.31 4.51
N PHE A 343 4.83 -42.46 5.39
CA PHE A 343 4.65 -42.88 6.77
C PHE A 343 3.40 -42.35 7.45
N ARG A 344 2.48 -41.69 6.75
CA ARG A 344 1.24 -41.25 7.38
C ARG A 344 0.21 -40.98 6.28
N THR A 345 -0.97 -40.56 6.71
CA THR A 345 -2.08 -40.26 5.82
C THR A 345 -2.56 -38.83 6.03
N TYR A 346 -3.19 -38.27 5.00
CA TYR A 346 -3.62 -36.88 5.02
C TYR A 346 -5.08 -36.78 4.58
N LYS A 347 -5.80 -35.83 5.16
CA LYS A 347 -7.16 -35.52 4.73
C LYS A 347 -7.11 -34.54 3.56
N GLY A 348 -7.58 -34.99 2.40
CA GLY A 348 -7.47 -34.18 1.18
C GLY A 348 -8.35 -32.95 1.16
N GLY A 349 -9.34 -32.86 2.05
CA GLY A 349 -10.18 -31.69 2.15
C GLY A 349 -9.88 -30.79 3.32
N SER A 350 -8.75 -31.00 4.00
CA SER A 350 -8.38 -30.23 5.18
C SER A 350 -7.30 -29.22 4.79
N VAL A 351 -7.60 -27.93 4.98
CA VAL A 351 -6.57 -26.91 4.85
C VAL A 351 -5.44 -27.18 5.83
N ARG A 352 -5.79 -27.53 7.07
CA ARG A 352 -4.77 -27.80 8.09
C ARG A 352 -3.84 -28.92 7.67
N ASP A 353 -4.35 -29.94 6.98
CA ASP A 353 -3.49 -31.03 6.54
C ASP A 353 -2.64 -30.64 5.33
N LEU A 354 -3.15 -29.78 4.44
CA LEU A 354 -2.31 -29.25 3.37
C LEU A 354 -1.15 -28.46 3.95
N LEU A 355 -1.41 -27.67 4.99
CA LEU A 355 -0.33 -26.94 5.65
C LEU A 355 0.65 -27.88 6.35
N ARG A 356 0.14 -28.97 6.95
CA ARG A 356 1.03 -29.96 7.54
C ARG A 356 1.98 -30.54 6.51
N ALA A 357 1.46 -30.84 5.31
CA ALA A 357 2.31 -31.39 4.26
C ALA A 357 3.40 -30.40 3.86
N MET A 358 3.06 -29.12 3.76
CA MET A 358 4.07 -28.11 3.45
C MET A 358 5.10 -27.98 4.56
N ARG A 359 4.64 -28.00 5.82
CA ARG A 359 5.57 -27.90 6.95
C ARG A 359 6.55 -29.05 6.97
N ASN A 360 6.06 -30.27 6.69
CA ASN A 360 6.93 -31.44 6.73
C ASN A 360 7.92 -31.44 5.57
N LYS A 361 7.45 -31.16 4.36
CA LYS A 361 8.36 -31.12 3.22
C LYS A 361 9.39 -30.01 3.35
N LYS A 362 9.03 -28.91 4.02
CA LYS A 362 10.01 -27.87 4.28
C LYS A 362 10.99 -28.29 5.37
N HIS A 363 10.50 -28.92 6.43
CA HIS A 363 11.36 -29.30 7.55
C HIS A 363 12.25 -30.50 7.23
N HIS A 364 11.86 -31.35 6.29
CA HIS A 364 12.66 -32.49 5.87
C HIS A 364 13.19 -32.33 4.45
N TYR A 365 13.31 -31.10 3.96
CA TYR A 365 13.63 -30.88 2.56
C TYR A 365 14.99 -31.42 2.19
N ARG A 366 15.98 -31.26 3.07
CA ARG A 366 17.34 -31.69 2.75
C ARG A 366 17.39 -33.18 2.45
N GLU A 367 16.73 -34.00 3.29
CA GLU A 367 16.74 -35.44 3.12
C GLU A 367 15.58 -35.95 2.28
N LEU A 368 14.97 -35.10 1.46
CA LEU A 368 13.95 -35.62 0.56
C LEU A 368 14.60 -36.22 -0.69
N PRO A 369 13.92 -37.13 -1.36
CA PRO A 369 14.44 -37.65 -2.64
C PRO A 369 14.71 -36.52 -3.61
N ALA A 370 15.63 -36.78 -4.54
CA ALA A 370 16.02 -35.76 -5.52
C ALA A 370 14.88 -35.46 -6.49
N GLU A 371 14.07 -36.46 -6.82
CA GLU A 371 12.93 -36.23 -7.71
C GLU A 371 11.85 -35.40 -7.03
N VAL A 372 11.77 -35.47 -5.69
CA VAL A 372 10.82 -34.63 -4.96
C VAL A 372 11.34 -33.21 -4.85
N ARG A 373 12.63 -33.04 -4.55
CA ARG A 373 13.18 -31.69 -4.47
C ARG A 373 13.13 -30.99 -5.82
N GLU A 374 13.20 -31.74 -6.91
CA GLU A 374 13.09 -31.12 -8.24
C GLU A 374 11.68 -30.60 -8.48
N THR A 375 10.66 -31.40 -8.18
CA THR A 375 9.29 -30.99 -8.46
C THR A 375 8.84 -29.84 -7.57
N LEU A 376 9.50 -29.65 -6.43
CA LEU A 376 9.15 -28.56 -5.50
C LEU A 376 9.83 -27.25 -5.87
N GLY A 377 11.11 -27.29 -6.23
CA GLY A 377 11.92 -26.10 -6.34
C GLY A 377 12.71 -25.86 -5.08
N SER A 378 13.53 -24.80 -5.11
CA SER A 378 14.45 -24.53 -4.02
C SER A 378 13.78 -23.73 -2.91
N LEU A 379 14.10 -24.10 -1.68
CA LEU A 379 13.69 -23.28 -0.55
C LEU A 379 14.32 -21.90 -0.66
N PRO A 380 13.56 -20.82 -0.39
CA PRO A 380 12.12 -20.91 -0.10
C PRO A 380 11.26 -20.46 -1.27
N ASP A 381 11.84 -19.72 -2.22
CA ASP A 381 11.04 -19.01 -3.21
C ASP A 381 10.30 -19.96 -4.12
N ASP A 382 11.00 -20.92 -4.74
CA ASP A 382 10.33 -21.84 -5.64
C ASP A 382 9.44 -22.82 -4.87
N PHE A 383 9.81 -23.13 -3.63
CA PHE A 383 9.00 -24.03 -2.81
C PHE A 383 7.63 -23.43 -2.52
N VAL A 384 7.61 -22.20 -1.98
CA VAL A 384 6.33 -21.61 -1.58
C VAL A 384 5.47 -21.32 -2.80
N CYS A 385 6.08 -21.00 -3.95
CA CYS A 385 5.28 -20.75 -5.14
C CYS A 385 4.66 -22.03 -5.69
N TYR A 386 5.29 -23.18 -5.42
CA TYR A 386 4.73 -24.45 -5.85
C TYR A 386 3.30 -24.61 -5.35
N PHE A 387 3.05 -24.19 -4.11
CA PHE A 387 1.74 -24.37 -3.49
C PHE A 387 0.81 -23.19 -3.75
N THR A 388 1.31 -21.96 -3.72
CA THR A 388 0.41 -20.81 -3.91
C THR A 388 -0.05 -20.69 -5.34
N SER A 389 0.76 -21.14 -6.31
CA SER A 389 0.29 -21.18 -7.69
C SER A 389 -0.82 -22.21 -7.87
N ARG A 390 -0.77 -23.32 -7.13
CA ARG A 390 -1.80 -24.35 -7.26
C ARG A 390 -3.02 -24.04 -6.41
N PHE A 391 -2.85 -23.36 -5.28
CA PHE A 391 -3.95 -23.04 -4.37
C PHE A 391 -3.96 -21.53 -4.16
N PRO A 392 -4.41 -20.77 -5.16
CA PRO A 392 -4.25 -19.31 -5.11
C PRO A 392 -4.97 -18.63 -3.96
N HIS A 393 -5.91 -19.31 -3.30
CA HIS A 393 -6.63 -18.75 -2.17
C HIS A 393 -6.07 -19.20 -0.84
N LEU A 394 -5.07 -20.09 -0.84
CA LEU A 394 -4.59 -20.66 0.42
C LEU A 394 -4.10 -19.57 1.37
N LEU A 395 -3.24 -18.68 0.88
CA LEU A 395 -2.66 -17.66 1.76
C LEU A 395 -3.71 -16.67 2.21
N ALA A 396 -4.54 -16.17 1.28
CA ALA A 396 -5.56 -15.20 1.64
C ALA A 396 -6.51 -15.76 2.69
N HIS A 397 -6.91 -17.02 2.51
CA HIS A 397 -7.84 -17.66 3.44
C HIS A 397 -7.18 -17.89 4.80
N THR A 398 -5.93 -18.34 4.81
CA THR A 398 -5.24 -18.57 6.07
C THR A 398 -5.02 -17.26 6.82
N TYR A 399 -4.74 -16.18 6.08
CA TYR A 399 -4.49 -14.89 6.73
C TYR A 399 -5.73 -14.38 7.44
N ARG A 400 -6.88 -14.39 6.75
CA ARG A 400 -8.12 -13.98 7.41
C ARG A 400 -8.44 -14.91 8.58
N ALA A 401 -8.25 -16.22 8.40
CA ALA A 401 -8.68 -17.16 9.42
C ALA A 401 -7.85 -17.04 10.69
N MET A 402 -6.54 -16.85 10.56
CA MET A 402 -5.66 -16.82 11.72
C MET A 402 -5.63 -15.46 12.42
N GLU A 403 -6.51 -14.53 12.06
CA GLU A 403 -6.66 -13.29 12.83
C GLU A 403 -6.98 -13.56 14.30
N LEU A 404 -7.57 -14.71 14.60
CA LEU A 404 -7.83 -15.12 15.98
C LEU A 404 -6.56 -15.17 16.82
N CYS A 405 -5.39 -15.30 16.18
CA CYS A 405 -4.11 -15.36 16.87
C CYS A 405 -3.28 -14.10 16.68
N SER A 406 -3.86 -13.05 16.09
CA SER A 406 -3.10 -11.84 15.80
C SER A 406 -2.53 -11.18 17.06
N HIS A 407 -3.09 -11.48 18.22
CA HIS A 407 -2.59 -10.91 19.48
C HIS A 407 -1.44 -11.71 20.06
N GLU A 408 -1.03 -12.80 19.43
CA GLU A 408 0.01 -13.64 19.98
C GLU A 408 1.38 -13.15 19.53
N ARG A 409 2.36 -13.23 20.44
CA ARG A 409 3.72 -12.79 20.13
C ARG A 409 4.24 -13.42 18.84
N LEU A 410 3.90 -14.68 18.60
CA LEU A 410 4.40 -15.41 17.44
C LEU A 410 3.91 -14.84 16.11
N PHE A 411 2.78 -14.14 16.10
CA PHE A 411 2.21 -13.60 14.87
C PHE A 411 2.38 -12.09 14.74
N GLN A 412 3.18 -11.46 15.60
CA GLN A 412 3.45 -10.04 15.45
C GLN A 412 4.12 -9.67 14.12
N PRO A 413 4.97 -10.50 13.50
CA PRO A 413 5.46 -10.14 12.16
C PRO A 413 4.37 -10.05 11.10
N TYR A 414 3.18 -10.60 11.34
CA TYR A 414 2.17 -10.74 10.29
C TYR A 414 0.94 -9.89 10.49
N TYR A 415 0.64 -9.50 11.73
CA TYR A 415 -0.53 -8.68 12.01
C TYR A 415 -0.13 -7.46 12.84
N PHE A 416 -0.84 -6.36 12.63
CA PHE A 416 -0.71 -5.22 13.51
C PHE A 416 -1.69 -5.37 14.66
N HIS A 417 -1.20 -5.13 15.88
CA HIS A 417 -2.02 -5.33 17.07
C HIS A 417 -1.54 -4.39 18.16
N GLU A 418 -2.42 -4.16 19.14
CA GLU A 418 -2.16 -3.31 20.30
C GLU A 418 -2.03 -1.84 19.87
#